data_7Z4X
#
_entry.id   7Z4X
#
_cell.length_a   94.512
_cell.length_b   94.512
_cell.length_c   111.253
_cell.angle_alpha   90.000
_cell.angle_beta   90.000
_cell.angle_gamma   120.000
#
_symmetry.space_group_name_H-M   'P 32 2 1'
#
loop_
_entity.id
_entity.type
_entity.pdbx_description
1 polymer 'Putative dehydrogenase/oxygenase subunit (Flavoprotein)'
2 non-polymer 'FLAVIN-ADENINE DINUCLEOTIDE'
3 water water
#
_entity_poly.entity_id   1
_entity_poly.type   'polypeptide(L)'
_entity_poly.pdbx_seq_one_letter_code
;MGHHHHHHHHHHSSGHIEGRHMKRIAIVGAGQSGLQLGLGLLAAGYEVTMFSNRTGEDIRRGKVMSSQCMFDTSLQIERD
LGLDHWASDCPTVDGIGLAVPHPEQKGAKVIDWAARLNASAQSVDQRLKIPAWMDEFQKKGGELVFKDAGIDELEACTQS
HDLTLVASGKGEISKLFERDAHKSPYDKPQRALALTYVKGMAPREPFSAVCFNLIPGVGEYFVFPALTTTGPCEIMVFEG
VPGGPMDCWADVKTPEEHLARSKWILDTFTPWEAERCKDIELTDDNGILAGRFAPTVRKPVATLPSGRKVLGLADVVVLN
DPITGQGSNNAAKCADTYLKSILARGDGAADAAWMQQTFDRYWFGYAQWVTQWTNMLLAPPPPHVLNLLGSAGAVPPLAS
AFANGFDDPRTFFPWFADAAESERYIATCAAVA
;
_entity_poly.pdbx_strand_id   A
#
loop_
_chem_comp.id
_chem_comp.type
_chem_comp.name
_chem_comp.formula
FAD non-polymer 'FLAVIN-ADENINE DINUCLEOTIDE' 'C27 H33 N9 O15 P2'
#
# COMPACT_ATOMS: atom_id res chain seq x y z
N LYS A 23 -9.98 -27.12 8.82
CA LYS A 23 -10.06 -26.96 10.28
C LYS A 23 -8.85 -26.24 10.93
N ARG A 24 -7.60 -26.57 10.56
CA ARG A 24 -6.41 -26.01 11.21
C ARG A 24 -5.55 -25.28 10.18
N ILE A 25 -5.33 -23.97 10.40
CA ILE A 25 -4.63 -23.12 9.46
C ILE A 25 -3.43 -22.49 10.15
N ALA A 26 -2.29 -22.45 9.46
CA ALA A 26 -1.07 -21.80 9.91
C ALA A 26 -0.75 -20.63 9.00
N ILE A 27 -0.30 -19.52 9.60
CA ILE A 27 0.07 -18.30 8.89
C ILE A 27 1.39 -17.82 9.46
N VAL A 28 2.37 -17.64 8.58
CA VAL A 28 3.70 -17.19 8.93
C VAL A 28 3.85 -15.73 8.55
N GLY A 29 3.96 -14.88 9.56
CA GLY A 29 4.03 -13.46 9.33
C GLY A 29 2.83 -12.74 9.87
N ALA A 30 3.04 -11.98 10.94
CA ALA A 30 1.94 -11.28 11.60
C ALA A 30 1.85 -9.85 11.05
N GLY A 31 1.39 -9.77 9.81
CA GLY A 31 1.19 -8.49 9.15
C GLY A 31 -0.28 -8.21 8.89
N GLN A 32 -0.52 -7.15 8.11
CA GLN A 32 -1.88 -6.72 7.86
C GLN A 32 -2.71 -7.83 7.21
N SER A 33 -2.25 -8.35 6.08
CA SER A 33 -3.06 -9.37 5.42
C SER A 33 -3.18 -10.61 6.30
N GLY A 34 -2.08 -11.01 6.93
CA GLY A 34 -2.08 -12.26 7.67
C GLY A 34 -3.00 -12.21 8.88
N LEU A 35 -2.97 -11.08 9.59
CA LEU A 35 -3.83 -10.95 10.77
C LEU A 35 -5.29 -10.73 10.37
N GLN A 36 -5.56 -10.01 9.29
CA GLN A 36 -6.96 -9.87 8.87
C GLN A 36 -7.53 -11.22 8.52
N LEU A 37 -6.75 -12.00 7.75
CA LEU A 37 -7.13 -13.36 7.38
C LEU A 37 -7.30 -14.23 8.62
N GLY A 38 -6.32 -14.17 9.52
CA GLY A 38 -6.38 -15.01 10.72
C GLY A 38 -7.60 -14.70 11.57
N LEU A 39 -7.87 -13.41 11.78
CA LEU A 39 -9.06 -13.02 12.55
C LEU A 39 -10.36 -13.45 11.85
N GLY A 40 -10.45 -13.24 10.54
CA GLY A 40 -11.61 -13.75 9.81
C GLY A 40 -11.77 -15.24 9.97
N LEU A 41 -10.66 -15.99 9.95
CA LEU A 41 -10.73 -17.44 10.08
C LEU A 41 -11.15 -17.86 11.48
N LEU A 42 -10.68 -17.16 12.51
CA LEU A 42 -11.10 -17.49 13.87
C LEU A 42 -12.60 -17.29 14.04
N ALA A 43 -13.14 -16.21 13.46
CA ALA A 43 -14.57 -15.93 13.60
C ALA A 43 -15.42 -16.96 12.84
N ALA A 44 -14.89 -17.53 11.77
CA ALA A 44 -15.57 -18.60 11.07
C ALA A 44 -15.37 -19.97 11.75
N GLY A 45 -14.63 -20.02 12.85
CA GLY A 45 -14.50 -21.25 13.61
C GLY A 45 -13.31 -22.12 13.30
N TYR A 46 -12.29 -21.62 12.64
CA TYR A 46 -11.08 -22.40 12.40
C TYR A 46 -10.12 -22.28 13.59
N GLU A 47 -9.23 -23.28 13.72
CA GLU A 47 -8.01 -23.14 14.49
C GLU A 47 -6.99 -22.39 13.64
N VAL A 48 -6.33 -21.42 14.24
CA VAL A 48 -5.34 -20.67 13.51
C VAL A 48 -4.09 -20.56 14.36
N THR A 49 -2.97 -20.98 13.80
CA THR A 49 -1.64 -20.79 14.36
C THR A 49 -0.97 -19.68 13.58
N MET A 50 -0.43 -18.69 14.30
CA MET A 50 0.28 -17.62 13.64
C MET A 50 1.67 -17.46 14.23
N PHE A 51 2.64 -17.23 13.34
CA PHE A 51 4.02 -16.98 13.72
C PHE A 51 4.36 -15.50 13.57
N SER A 52 4.92 -14.89 14.61
CA SER A 52 5.44 -13.54 14.53
C SER A 52 6.91 -13.46 14.95
N ASN A 53 7.72 -12.74 14.18
CA ASN A 53 9.11 -12.50 14.56
C ASN A 53 9.31 -11.22 15.37
N ARG A 54 8.21 -10.58 15.83
CA ARG A 54 8.32 -9.42 16.70
C ARG A 54 7.21 -9.44 17.75
N THR A 55 7.50 -8.83 18.91
CA THR A 55 6.45 -8.59 19.90
C THR A 55 5.58 -7.40 19.49
N GLY A 56 4.33 -7.39 19.95
CA GLY A 56 3.48 -6.25 19.66
C GLY A 56 4.11 -4.95 20.07
N GLU A 57 4.72 -4.92 21.26
CA GLU A 57 5.26 -3.66 21.78
C GLU A 57 6.45 -3.15 20.94
N ASP A 58 7.31 -4.06 20.49
CA ASP A 58 8.42 -3.62 19.65
C ASP A 58 7.92 -3.09 18.29
N ILE A 59 6.79 -3.60 17.82
CA ILE A 59 6.20 -3.06 16.60
C ILE A 59 5.61 -1.68 16.85
N ARG A 60 4.90 -1.50 17.97
CA ARG A 60 4.33 -0.19 18.29
C ARG A 60 5.41 0.90 18.35
N ARG A 61 6.57 0.57 18.95
CA ARG A 61 7.61 1.57 19.21
C ARG A 61 8.76 1.53 18.21
N GLY A 62 8.70 0.62 17.24
CA GLY A 62 9.71 0.53 16.20
C GLY A 62 9.48 1.55 15.09
N LYS A 63 10.17 1.31 13.97
CA LYS A 63 10.09 2.21 12.84
C LYS A 63 8.77 2.05 12.12
N VAL A 64 8.29 3.14 11.52
CA VAL A 64 7.13 3.05 10.64
C VAL A 64 7.45 2.10 9.49
N MET A 65 6.41 1.45 8.96
CA MET A 65 6.54 0.47 7.90
C MET A 65 5.88 0.89 6.59
N SER A 66 5.11 1.97 6.58
CA SER A 66 4.14 2.17 5.52
C SER A 66 3.53 3.55 5.69
N SER A 67 2.84 4.00 4.63
CA SER A 67 1.90 5.11 4.76
C SER A 67 0.44 4.68 4.71
N GLN A 68 0.18 3.39 4.45
CA GLN A 68 -1.11 2.70 4.51
C GLN A 68 -2.38 3.54 4.34
N CYS A 69 -2.45 4.28 3.25
CA CYS A 69 -3.71 4.93 2.87
C CYS A 69 -4.72 3.93 2.29
N MET A 70 -5.79 3.66 3.04
CA MET A 70 -6.79 2.68 2.65
C MET A 70 -8.07 3.37 2.16
N PHE A 71 -8.51 2.98 0.98
CA PHE A 71 -9.69 3.55 0.37
C PHE A 71 -10.92 2.78 0.79
N ASP A 72 -12.10 3.29 0.41
CA ASP A 72 -13.31 2.88 1.09
C ASP A 72 -13.60 1.40 0.92
N THR A 73 -13.39 0.84 -0.26
CA THR A 73 -13.67 -0.59 -0.41
C THR A 73 -12.81 -1.42 0.54
N SER A 74 -11.52 -1.09 0.66
CA SER A 74 -10.66 -1.83 1.61
C SER A 74 -11.11 -1.60 3.05
N LEU A 75 -11.44 -0.36 3.39
CA LEU A 75 -11.95 -0.08 4.73
C LEU A 75 -13.22 -0.86 5.02
N GLN A 76 -14.08 -1.02 4.01
CA GLN A 76 -15.32 -1.75 4.24
C GLN A 76 -15.06 -3.22 4.57
N ILE A 77 -14.04 -3.81 3.93
CA ILE A 77 -13.63 -5.17 4.30
C ILE A 77 -13.31 -5.26 5.78
N GLU A 78 -12.58 -4.28 6.31
CA GLU A 78 -12.29 -4.28 7.74
C GLU A 78 -13.55 -4.08 8.55
N ARG A 79 -14.42 -3.16 8.11
CA ARG A 79 -15.69 -2.93 8.82
C ARG A 79 -16.49 -4.21 8.93
N ASP A 80 -16.58 -4.94 7.83
CA ASP A 80 -17.40 -6.16 7.81
C ASP A 80 -16.81 -7.25 8.73
N LEU A 81 -15.53 -7.19 9.08
CA LEU A 81 -14.97 -8.12 10.06
C LEU A 81 -14.99 -7.56 11.49
N GLY A 82 -15.53 -6.36 11.70
CA GLY A 82 -15.49 -5.74 13.01
C GLY A 82 -14.12 -5.26 13.45
N LEU A 83 -13.23 -4.95 12.50
CA LEU A 83 -11.84 -4.60 12.79
C LEU A 83 -11.50 -3.14 12.57
N ASP A 84 -12.50 -2.29 12.30
CA ASP A 84 -12.27 -0.85 12.12
C ASP A 84 -12.29 -0.11 13.45
N HIS A 85 -11.36 -0.50 14.31
CA HIS A 85 -11.31 0.03 15.68
C HIS A 85 -10.87 1.49 15.74
N TRP A 86 -10.33 2.07 14.66
CA TRP A 86 -9.79 3.43 14.72
C TRP A 86 -10.59 4.41 13.89
N ALA A 87 -11.73 3.97 13.36
CA ALA A 87 -12.47 4.73 12.37
C ALA A 87 -12.88 6.08 12.89
N SER A 88 -13.25 6.15 14.18
CA SER A 88 -13.67 7.41 14.78
C SER A 88 -12.52 8.37 15.04
N ASP A 89 -11.35 7.85 15.43
CA ASP A 89 -10.22 8.70 15.80
C ASP A 89 -9.28 9.01 14.63
N CYS A 90 -9.32 8.22 13.55
CA CYS A 90 -8.43 8.51 12.44
C CYS A 90 -8.99 9.63 11.56
N PRO A 91 -8.18 10.64 11.23
CA PRO A 91 -8.68 11.69 10.31
C PRO A 91 -9.01 11.05 8.98
N THR A 92 -10.04 11.61 8.34
CA THR A 92 -10.43 11.13 7.02
C THR A 92 -9.62 11.83 5.96
N VAL A 93 -9.40 11.11 4.85
CA VAL A 93 -8.78 11.60 3.64
C VAL A 93 -9.90 11.70 2.60
N ASP A 94 -10.28 12.91 2.22
CA ASP A 94 -11.54 13.11 1.50
C ASP A 94 -11.37 13.32 -0.01
N GLY A 95 -10.14 13.33 -0.51
CA GLY A 95 -9.95 13.61 -1.93
C GLY A 95 -8.56 13.27 -2.41
N ILE A 96 -8.33 13.56 -3.69
CA ILE A 96 -7.03 13.38 -4.33
C ILE A 96 -6.72 14.68 -5.07
N GLY A 97 -5.50 15.17 -4.92
CA GLY A 97 -5.03 16.36 -5.58
C GLY A 97 -3.80 16.05 -6.40
N LEU A 98 -3.61 16.83 -7.47
CA LEU A 98 -2.42 16.76 -8.27
C LEU A 98 -1.91 18.15 -8.60
N ALA A 99 -0.62 18.35 -8.40
CA ALA A 99 0.07 19.58 -8.75
C ALA A 99 1.34 19.24 -9.53
N VAL A 100 1.65 20.09 -10.50
CA VAL A 100 2.86 19.97 -11.30
C VAL A 100 3.53 21.33 -11.40
N PRO A 101 4.82 21.43 -11.08
CA PRO A 101 5.51 22.73 -11.14
C PRO A 101 5.44 23.34 -12.53
N HIS A 102 5.29 24.65 -12.58
CA HIS A 102 5.32 25.33 -13.84
C HIS A 102 6.77 25.32 -14.34
N PRO A 103 7.03 24.81 -15.54
CA PRO A 103 8.42 24.74 -16.01
C PRO A 103 9.11 26.09 -16.03
N GLU A 104 8.42 27.12 -16.54
CA GLU A 104 8.94 28.48 -16.56
C GLU A 104 8.71 29.16 -15.21
N GLN A 105 7.49 29.66 -14.99
CA GLN A 105 7.17 30.57 -13.89
C GLN A 105 7.60 30.00 -12.55
N LYS A 106 8.56 30.68 -11.91
CA LYS A 106 9.22 30.17 -10.73
C LYS A 106 8.25 30.05 -9.57
N GLY A 107 8.27 28.91 -8.89
CA GLY A 107 7.47 28.75 -7.69
C GLY A 107 5.99 28.58 -7.90
N ALA A 108 5.54 28.36 -9.13
CA ALA A 108 4.14 28.20 -9.46
C ALA A 108 3.88 26.82 -10.07
N LYS A 109 2.60 26.54 -10.34
CA LYS A 109 2.14 25.28 -10.88
C LYS A 109 1.44 25.47 -12.22
N VAL A 110 1.75 24.60 -13.16
CA VAL A 110 1.05 24.58 -14.43
C VAL A 110 -0.14 23.66 -14.39
N ILE A 111 -0.16 22.70 -13.46
CA ILE A 111 -1.33 21.89 -13.17
C ILE A 111 -1.58 21.95 -11.67
N ASP A 112 -2.83 22.09 -11.27
CA ASP A 112 -3.16 22.13 -9.84
C ASP A 112 -4.67 21.92 -9.75
N TRP A 113 -5.06 20.69 -9.43
CA TRP A 113 -6.47 20.38 -9.30
C TRP A 113 -6.66 19.35 -8.21
N ALA A 114 -7.91 19.18 -7.83
CA ALA A 114 -8.32 18.21 -6.84
C ALA A 114 -9.72 17.73 -7.18
N ALA A 115 -10.07 16.59 -6.57
CA ALA A 115 -11.38 16.00 -6.74
C ALA A 115 -11.69 15.24 -5.45
N ARG A 116 -12.95 15.22 -5.09
CA ARG A 116 -13.34 14.52 -3.87
C ARG A 116 -13.49 13.03 -4.15
N LEU A 117 -13.08 12.21 -3.18
CA LEU A 117 -13.44 10.79 -3.14
C LEU A 117 -14.92 10.63 -2.81
N ASN A 118 -15.55 9.62 -3.44
CA ASN A 118 -16.96 9.37 -3.19
C ASN A 118 -17.19 8.96 -1.75
N ALA A 119 -16.19 8.34 -1.14
CA ALA A 119 -16.24 7.94 0.27
C ALA A 119 -14.80 8.06 0.80
N SER A 120 -14.68 8.36 2.09
CA SER A 120 -13.41 8.70 2.71
C SER A 120 -12.43 7.53 2.68
N ALA A 121 -11.16 7.87 2.56
CA ALA A 121 -10.05 6.97 2.86
C ALA A 121 -9.48 7.28 4.24
N GLN A 122 -8.69 6.34 4.78
CA GLN A 122 -8.10 6.47 6.10
C GLN A 122 -6.75 5.73 6.18
N SER A 123 -5.83 6.30 6.94
CA SER A 123 -4.49 5.74 7.12
C SER A 123 -4.21 5.55 8.60
N VAL A 124 -4.36 4.32 9.07
CA VAL A 124 -4.09 3.94 10.43
C VAL A 124 -2.74 3.23 10.46
N ASP A 125 -1.76 3.89 11.08
CA ASP A 125 -0.39 3.35 11.18
C ASP A 125 -0.40 1.88 11.55
N GLN A 126 0.33 1.07 10.80
CA GLN A 126 0.47 -0.34 11.14
C GLN A 126 1.05 -0.55 12.55
N ARG A 127 1.80 0.43 13.07
CA ARG A 127 2.35 0.34 14.41
C ARG A 127 1.28 0.28 15.47
N LEU A 128 0.10 0.83 15.19
CA LEU A 128 -1.09 0.73 16.01
C LEU A 128 -1.89 -0.51 15.69
N LYS A 129 -2.16 -0.72 14.39
CA LYS A 129 -3.14 -1.72 13.97
C LYS A 129 -2.60 -3.15 14.16
N ILE A 130 -1.40 -3.43 13.65
CA ILE A 130 -0.86 -4.78 13.77
C ILE A 130 -0.81 -5.23 15.23
N PRO A 131 -0.22 -4.50 16.16
CA PRO A 131 -0.17 -5.03 17.55
C PRO A 131 -1.56 -5.22 18.15
N ALA A 132 -2.49 -4.29 17.91
CA ALA A 132 -3.86 -4.44 18.40
C ALA A 132 -4.54 -5.69 17.83
N TRP A 133 -4.38 -5.93 16.52
CA TRP A 133 -4.91 -7.15 15.94
C TRP A 133 -4.21 -8.38 16.51
N MET A 134 -2.91 -8.30 16.79
CA MET A 134 -2.24 -9.43 17.44
C MET A 134 -2.88 -9.73 18.80
N ASP A 135 -3.13 -8.69 19.59
CA ASP A 135 -3.82 -8.90 20.86
C ASP A 135 -5.19 -9.52 20.62
N GLU A 136 -5.95 -9.02 19.65
CA GLU A 136 -7.29 -9.55 19.44
C GLU A 136 -7.21 -11.01 19.00
N PHE A 137 -6.23 -11.31 18.13
CA PHE A 137 -6.05 -12.66 17.64
C PHE A 137 -5.89 -13.63 18.80
N GLN A 138 -5.08 -13.28 19.80
CA GLN A 138 -4.95 -14.11 20.99
C GLN A 138 -6.25 -14.21 21.77
N LYS A 139 -6.91 -13.09 22.01
CA LYS A 139 -8.13 -13.11 22.82
C LYS A 139 -9.25 -13.91 22.16
N LYS A 140 -9.22 -14.06 20.84
CA LYS A 140 -10.20 -14.86 20.13
C LYS A 140 -9.79 -16.32 19.99
N GLY A 141 -8.74 -16.76 20.67
CA GLY A 141 -8.32 -18.15 20.60
C GLY A 141 -7.27 -18.47 19.57
N GLY A 142 -6.72 -17.47 18.89
CA GLY A 142 -5.63 -17.73 17.99
C GLY A 142 -4.41 -18.16 18.78
N GLU A 143 -3.64 -19.09 18.21
CA GLU A 143 -2.39 -19.58 18.82
C GLU A 143 -1.25 -18.76 18.21
N LEU A 144 -0.73 -17.82 18.99
CA LEU A 144 0.35 -16.94 18.53
C LEU A 144 1.68 -17.49 19.04
N VAL A 145 2.59 -17.76 18.10
CA VAL A 145 3.89 -18.36 18.38
C VAL A 145 4.97 -17.39 17.91
N PHE A 146 5.95 -17.12 18.77
CA PHE A 146 6.95 -16.07 18.50
C PHE A 146 8.28 -16.73 18.12
N LYS A 147 8.69 -16.52 16.86
CA LYS A 147 9.89 -17.08 16.28
C LYS A 147 10.09 -16.47 14.91
N ASP A 148 11.35 -16.31 14.53
CA ASP A 148 11.68 -15.94 13.15
C ASP A 148 11.62 -17.24 12.35
N ALA A 149 10.57 -17.44 11.58
CA ALA A 149 10.31 -18.75 11.01
C ALA A 149 11.15 -18.96 9.76
N GLY A 150 11.63 -20.19 9.57
CA GLY A 150 12.33 -20.58 8.36
C GLY A 150 11.76 -21.85 7.79
N ILE A 151 12.54 -22.53 6.92
CA ILE A 151 12.08 -23.76 6.29
C ILE A 151 11.60 -24.76 7.31
N ASP A 152 12.33 -24.91 8.41
CA ASP A 152 11.96 -25.91 9.40
C ASP A 152 10.58 -25.62 9.98
N GLU A 153 10.24 -24.35 10.17
CA GLU A 153 8.92 -24.05 10.71
C GLU A 153 7.83 -24.35 9.68
N LEU A 154 8.10 -24.05 8.42
CA LEU A 154 7.16 -24.38 7.35
C LEU A 154 6.94 -25.89 7.27
N GLU A 155 8.04 -26.67 7.35
CA GLU A 155 7.92 -28.13 7.32
C GLU A 155 7.09 -28.64 8.49
N ALA A 156 7.31 -28.07 9.68
CA ALA A 156 6.52 -28.45 10.84
C ALA A 156 5.04 -28.09 10.67
N CYS A 157 4.76 -26.84 10.27
CA CYS A 157 3.38 -26.40 10.06
C CYS A 157 2.66 -27.30 9.07
N THR A 158 3.26 -27.54 7.91
CA THR A 158 2.58 -28.33 6.88
C THR A 158 2.26 -29.75 7.36
N GLN A 159 2.98 -30.26 8.36
CA GLN A 159 2.64 -31.57 8.89
C GLN A 159 1.46 -31.54 9.84
N SER A 160 1.24 -30.41 10.53
CA SER A 160 0.19 -30.31 11.54
C SER A 160 -1.01 -29.44 11.14
N HIS A 161 -1.05 -28.91 9.92
CA HIS A 161 -2.11 -28.02 9.52
C HIS A 161 -2.60 -28.39 8.12
N ASP A 162 -3.90 -28.19 7.90
CA ASP A 162 -4.50 -28.42 6.58
C ASP A 162 -4.03 -27.42 5.55
N LEU A 163 -3.63 -26.22 5.96
CA LEU A 163 -3.10 -25.23 5.03
C LEU A 163 -2.15 -24.33 5.78
N THR A 164 -1.04 -23.99 5.14
CA THR A 164 -0.03 -23.08 5.69
C THR A 164 0.19 -21.95 4.67
N LEU A 165 0.00 -20.70 5.10
CA LEU A 165 0.21 -19.53 4.29
C LEU A 165 1.45 -18.78 4.79
N VAL A 166 2.15 -18.16 3.85
CA VAL A 166 3.24 -17.23 4.16
C VAL A 166 2.79 -15.81 3.86
N ALA A 167 2.74 -14.99 4.90
CA ALA A 167 2.23 -13.63 4.90
C ALA A 167 3.29 -12.66 5.42
N SER A 168 4.51 -12.78 4.93
CA SER A 168 5.69 -12.22 5.60
C SER A 168 6.22 -10.97 4.90
N GLY A 169 5.41 -10.35 4.02
CA GLY A 169 5.78 -9.05 3.46
C GLY A 169 7.06 -9.07 2.64
N LYS A 170 7.92 -8.09 2.91
CA LYS A 170 9.25 -8.02 2.31
C LYS A 170 10.30 -8.78 3.11
N GLY A 171 9.86 -9.60 4.08
CA GLY A 171 10.78 -10.44 4.83
C GLY A 171 11.53 -11.43 3.97
N GLU A 172 12.60 -11.98 4.55
CA GLU A 172 13.53 -12.80 3.78
C GLU A 172 12.89 -14.07 3.26
N ILE A 173 12.07 -14.73 4.07
CA ILE A 173 11.52 -16.03 3.66
C ILE A 173 10.62 -15.90 2.44
N SER A 174 10.19 -14.67 2.10
CA SER A 174 9.41 -14.48 0.89
C SER A 174 10.15 -14.91 -0.38
N LYS A 175 11.48 -15.01 -0.35
CA LYS A 175 12.19 -15.36 -1.58
C LYS A 175 12.14 -16.86 -1.84
N LEU A 176 11.51 -17.62 -0.96
CA LEU A 176 11.19 -19.01 -1.23
C LEU A 176 10.22 -19.17 -2.40
N PHE A 177 9.38 -18.16 -2.66
CA PHE A 177 8.48 -18.20 -3.82
C PHE A 177 9.20 -17.70 -5.07
N GLU A 178 9.02 -18.42 -6.16
CA GLU A 178 9.76 -18.15 -7.40
C GLU A 178 9.29 -16.85 -8.05
N ARG A 179 10.22 -15.96 -8.37
CA ARG A 179 9.87 -14.76 -9.08
C ARG A 179 9.20 -15.11 -10.40
N ASP A 180 8.16 -14.36 -10.75
CA ASP A 180 7.34 -14.59 -11.94
C ASP A 180 7.76 -13.50 -12.91
N ALA A 181 8.67 -13.86 -13.82
CA ALA A 181 9.33 -12.83 -14.62
C ALA A 181 8.37 -12.16 -15.60
N HIS A 182 7.37 -12.90 -16.08
CA HIS A 182 6.48 -12.35 -17.09
C HIS A 182 5.51 -11.34 -16.49
N LYS A 183 5.20 -11.48 -15.20
CA LYS A 183 4.36 -10.52 -14.50
C LYS A 183 5.18 -9.44 -13.79
N SER A 184 6.51 -9.50 -13.90
CA SER A 184 7.42 -8.52 -13.28
C SER A 184 8.23 -7.83 -14.35
N PRO A 185 7.71 -6.73 -14.92
CA PRO A 185 8.49 -5.98 -15.92
C PRO A 185 9.76 -5.33 -15.39
N TYR A 186 9.90 -5.22 -14.08
CA TYR A 186 11.08 -4.58 -13.49
C TYR A 186 11.88 -5.58 -12.68
N ASP A 187 13.22 -5.40 -12.68
CA ASP A 187 14.08 -6.17 -11.79
C ASP A 187 14.98 -5.28 -10.93
N LYS A 188 14.75 -3.99 -10.92
CA LYS A 188 15.45 -3.03 -10.08
C LYS A 188 14.45 -2.03 -9.52
N PRO A 189 14.74 -1.48 -8.34
CA PRO A 189 13.93 -0.36 -7.84
C PRO A 189 13.76 0.71 -8.90
N GLN A 190 12.53 1.20 -9.05
CA GLN A 190 12.27 2.35 -9.91
C GLN A 190 12.21 3.66 -9.14
N ARG A 191 12.10 3.64 -7.82
CA ARG A 191 12.10 4.87 -7.03
C ARG A 191 12.86 4.65 -5.71
N ALA A 192 13.56 5.71 -5.28
CA ALA A 192 14.10 5.82 -3.94
C ALA A 192 13.07 6.44 -3.01
N LEU A 193 12.72 5.70 -1.95
CA LEU A 193 11.57 6.00 -1.11
C LEU A 193 12.01 6.58 0.23
N ALA A 194 11.11 7.35 0.83
CA ALA A 194 11.26 7.85 2.20
C ALA A 194 9.90 8.25 2.75
N LEU A 195 9.76 8.12 4.07
CA LEU A 195 8.58 8.53 4.80
C LEU A 195 8.96 9.41 5.98
N THR A 196 8.13 10.40 6.25
CA THR A 196 8.30 11.26 7.43
C THR A 196 6.91 11.54 8.00
N TYR A 197 6.66 11.02 9.20
CA TYR A 197 5.43 11.30 9.91
C TYR A 197 5.64 12.56 10.74
N VAL A 198 4.75 13.54 10.60
CA VAL A 198 4.92 14.83 11.26
C VAL A 198 3.65 15.32 11.92
N LYS A 199 3.84 16.05 13.02
CA LYS A 199 2.81 16.87 13.64
C LYS A 199 3.02 18.31 13.19
N GLY A 200 1.96 19.11 13.30
CA GLY A 200 2.05 20.53 13.06
C GLY A 200 1.84 20.98 11.62
N MET A 201 1.55 20.09 10.70
CA MET A 201 1.34 20.55 9.33
C MET A 201 0.00 21.27 9.25
N ALA A 202 -0.04 22.33 8.45
CA ALA A 202 -1.27 23.08 8.24
C ALA A 202 -2.31 22.18 7.57
N PRO A 203 -3.47 21.95 8.18
CA PRO A 203 -4.50 21.14 7.51
C PRO A 203 -4.84 21.67 6.13
N ARG A 204 -5.07 20.76 5.20
CA ARG A 204 -5.63 21.16 3.92
C ARG A 204 -7.05 21.67 4.11
N GLU A 205 -7.40 22.72 3.36
CA GLU A 205 -8.74 23.27 3.29
C GLU A 205 -9.14 23.41 1.82
N PRO A 206 -10.42 23.29 1.51
CA PRO A 206 -11.53 23.03 2.42
C PRO A 206 -11.83 21.58 2.70
N PHE A 207 -11.10 20.67 2.05
CA PHE A 207 -11.18 19.25 2.41
C PHE A 207 -9.76 18.66 2.38
N SER A 208 -9.59 17.53 3.08
CA SER A 208 -8.31 16.81 3.06
C SER A 208 -8.15 16.02 1.76
N ALA A 209 -6.89 15.71 1.45
CA ALA A 209 -6.60 14.93 0.25
C ALA A 209 -5.19 14.36 0.26
N VAL A 210 -5.00 13.34 -0.56
CA VAL A 210 -3.64 12.93 -0.95
C VAL A 210 -3.16 13.96 -1.97
N CYS A 211 -2.22 14.81 -1.55
CA CYS A 211 -1.74 15.92 -2.37
C CYS A 211 -0.52 15.44 -3.15
N PHE A 212 -0.76 14.99 -4.37
CA PHE A 212 0.32 14.53 -5.21
C PHE A 212 1.00 15.71 -5.88
N ASN A 213 2.32 15.65 -5.94
CA ASN A 213 3.17 16.60 -6.61
C ASN A 213 4.09 15.85 -7.55
N LEU A 214 3.85 15.98 -8.85
CA LEU A 214 4.69 15.36 -9.85
C LEU A 214 5.78 16.34 -10.30
N ILE A 215 7.03 15.97 -10.04
CA ILE A 215 8.20 16.75 -10.42
C ILE A 215 8.82 16.11 -11.64
N PRO A 216 8.56 16.60 -12.85
CA PRO A 216 8.93 15.84 -14.05
C PRO A 216 10.40 15.46 -14.07
N GLY A 217 10.67 14.18 -14.30
CA GLY A 217 12.01 13.69 -14.39
C GLY A 217 12.76 13.59 -13.07
N VAL A 218 12.14 13.96 -11.96
CA VAL A 218 12.79 13.94 -10.65
C VAL A 218 12.15 12.93 -9.72
N GLY A 219 10.83 13.00 -9.55
CA GLY A 219 10.20 12.14 -8.56
C GLY A 219 8.82 12.66 -8.21
N GLU A 220 8.34 12.22 -7.03
CA GLU A 220 7.01 12.57 -6.54
C GLU A 220 7.06 12.80 -5.04
N TYR A 221 6.28 13.77 -4.59
CA TYR A 221 6.00 13.99 -3.18
C TYR A 221 4.50 13.93 -2.99
N PHE A 222 4.04 13.13 -2.05
CA PHE A 222 2.63 13.19 -1.70
C PHE A 222 2.47 13.07 -0.19
N VAL A 223 1.35 13.63 0.31
CA VAL A 223 1.17 13.81 1.74
C VAL A 223 -0.31 13.77 2.07
N PHE A 224 -0.63 13.28 3.26
CA PHE A 224 -2.03 13.18 3.67
C PHE A 224 -2.09 12.94 5.18
N PRO A 225 -3.22 13.24 5.79
CA PRO A 225 -3.36 13.02 7.23
C PRO A 225 -3.57 11.56 7.57
N ALA A 226 -3.21 11.23 8.80
CA ALA A 226 -3.23 9.84 9.25
C ALA A 226 -3.33 9.80 10.76
N LEU A 227 -3.45 8.59 11.28
CA LEU A 227 -3.38 8.37 12.71
C LEU A 227 -2.13 7.56 13.05
N THR A 228 -1.34 8.05 14.02
CA THR A 228 -0.24 7.24 14.54
C THR A 228 -0.28 7.09 16.07
N THR A 229 0.85 6.62 16.67
CA THR A 229 0.85 6.25 18.08
C THR A 229 0.80 7.44 19.03
N THR A 230 1.19 8.62 18.57
CA THR A 230 1.03 9.84 19.35
C THR A 230 -0.21 10.65 18.94
N GLY A 231 -1.03 10.15 18.03
CA GLY A 231 -2.26 10.85 17.69
C GLY A 231 -2.32 11.20 16.21
N PRO A 232 -3.20 12.13 15.81
CA PRO A 232 -3.29 12.50 14.40
C PRO A 232 -2.02 13.18 13.91
N CYS A 233 -1.69 12.92 12.64
CA CYS A 233 -0.49 13.46 12.04
C CYS A 233 -0.74 13.58 10.54
N GLU A 234 0.31 13.94 9.83
CA GLU A 234 0.34 13.77 8.38
C GLU A 234 1.58 12.96 8.02
N ILE A 235 1.49 12.26 6.91
CA ILE A 235 2.56 11.41 6.43
C ILE A 235 3.06 11.97 5.11
N MET A 236 4.35 12.30 5.08
CA MET A 236 5.01 12.76 3.87
C MET A 236 5.62 11.56 3.16
N VAL A 237 5.36 11.45 1.86
CA VAL A 237 5.92 10.35 1.08
C VAL A 237 6.77 10.91 -0.05
N PHE A 238 8.01 10.42 -0.14
CA PHE A 238 8.97 10.90 -1.14
C PHE A 238 9.39 9.75 -2.03
N GLU A 239 9.34 9.96 -3.35
CA GLU A 239 9.77 8.96 -4.31
C GLU A 239 10.68 9.64 -5.32
N GLY A 240 11.92 9.17 -5.43
CA GLY A 240 12.87 9.80 -6.31
C GLY A 240 13.32 8.90 -7.43
N VAL A 241 13.35 9.45 -8.64
CA VAL A 241 13.99 8.71 -9.75
C VAL A 241 15.44 8.39 -9.36
N PRO A 242 15.88 7.13 -9.42
CA PRO A 242 17.19 6.79 -8.85
C PRO A 242 18.31 7.62 -9.47
N GLY A 243 19.15 8.20 -8.62
CA GLY A 243 20.26 9.00 -9.07
C GLY A 243 19.95 10.45 -9.33
N GLY A 244 18.68 10.86 -9.22
CA GLY A 244 18.34 12.25 -9.36
C GLY A 244 18.35 12.98 -8.04
N PRO A 245 17.94 14.26 -8.07
CA PRO A 245 17.99 15.09 -6.85
C PRO A 245 17.15 14.58 -5.67
N MET A 246 16.10 13.78 -5.92
CA MET A 246 15.30 13.21 -4.83
C MET A 246 15.71 11.78 -4.48
N ASP A 247 16.83 11.29 -5.02
CA ASP A 247 17.49 10.07 -4.54
C ASP A 247 18.53 10.55 -3.55
N CYS A 248 18.06 10.92 -2.35
CA CYS A 248 18.82 11.85 -1.52
C CYS A 248 18.77 11.48 -0.05
N TRP A 249 18.72 10.20 0.26
CA TRP A 249 18.65 9.75 1.63
C TRP A 249 19.89 9.01 2.10
N ALA A 250 20.88 8.79 1.23
CA ALA A 250 22.02 7.98 1.62
C ALA A 250 22.81 8.64 2.74
N ASP A 251 23.02 9.95 2.66
CA ASP A 251 23.82 10.69 3.62
C ASP A 251 23.03 11.15 4.85
N VAL A 252 21.80 10.67 5.03
CA VAL A 252 20.93 11.06 6.13
C VAL A 252 21.08 9.99 7.21
N LYS A 253 21.44 10.42 8.43
CA LYS A 253 21.82 9.49 9.49
C LYS A 253 21.06 9.65 10.80
N THR A 254 20.36 10.76 11.02
CA THR A 254 19.70 11.04 12.28
C THR A 254 18.27 11.48 12.02
N PRO A 255 17.37 11.31 13.01
CA PRO A 255 16.00 11.86 12.86
C PRO A 255 15.97 13.31 12.42
N GLU A 256 16.87 14.14 12.96
CA GLU A 256 16.89 15.56 12.65
C GLU A 256 17.39 15.85 11.24
N GLU A 257 18.39 15.10 10.75
CA GLU A 257 18.78 15.23 9.36
C GLU A 257 17.67 14.75 8.42
N HIS A 258 16.87 13.77 8.86
CA HIS A 258 15.75 13.31 8.04
C HIS A 258 14.70 14.40 7.87
N LEU A 259 14.21 14.93 8.99
CA LEU A 259 13.30 16.08 8.93
C LEU A 259 13.87 17.17 8.03
N ALA A 260 15.12 17.56 8.26
CA ALA A 260 15.73 18.63 7.46
C ALA A 260 15.77 18.28 5.97
N ARG A 261 16.12 17.05 5.62
CA ARG A 261 16.12 16.68 4.20
C ARG A 261 14.70 16.71 3.64
N SER A 262 13.71 16.31 4.44
CA SER A 262 12.32 16.38 4.00
C SER A 262 11.92 17.82 3.68
N LYS A 263 12.19 18.74 4.62
CA LYS A 263 11.93 20.15 4.39
C LYS A 263 12.68 20.64 3.15
N TRP A 264 13.90 20.12 2.91
CA TRP A 264 14.66 20.60 1.77
C TRP A 264 13.94 20.28 0.46
N ILE A 265 13.43 19.06 0.32
CA ILE A 265 12.74 18.68 -0.92
C ILE A 265 11.57 19.64 -1.18
N LEU A 266 10.79 19.96 -0.13
CA LEU A 266 9.63 20.81 -0.32
C LEU A 266 10.03 22.25 -0.70
N ASP A 267 11.04 22.82 -0.04
CA ASP A 267 11.52 24.15 -0.39
C ASP A 267 12.02 24.21 -1.83
N THR A 268 12.62 23.12 -2.31
CA THR A 268 13.30 23.14 -3.59
C THR A 268 12.33 22.90 -4.74
N PHE A 269 11.39 21.99 -4.57
CA PHE A 269 10.55 21.54 -5.65
C PHE A 269 9.07 21.85 -5.48
N THR A 270 8.57 22.01 -4.25
CA THR A 270 7.13 22.22 -4.00
C THR A 270 6.93 23.28 -2.91
N PRO A 271 7.35 24.51 -3.17
CA PRO A 271 7.28 25.55 -2.13
C PRO A 271 5.86 25.85 -1.69
N TRP A 272 4.86 25.58 -2.54
CA TRP A 272 3.46 25.73 -2.11
C TRP A 272 3.15 24.76 -0.97
N GLU A 273 3.73 23.56 -1.01
CA GLU A 273 3.59 22.65 0.13
C GLU A 273 4.49 23.10 1.30
N ALA A 274 5.65 23.68 1.04
CA ALA A 274 6.48 24.16 2.14
C ALA A 274 5.74 25.16 3.01
N GLU A 275 4.81 25.93 2.42
CA GLU A 275 4.04 26.92 3.18
C GLU A 275 3.23 26.28 4.30
N ARG A 276 2.81 25.03 4.13
CA ARG A 276 2.06 24.33 5.16
C ARG A 276 2.94 23.80 6.29
N CYS A 277 4.27 23.85 6.13
CA CYS A 277 5.17 23.07 6.95
C CYS A 277 6.12 23.90 7.81
N LYS A 278 5.77 25.16 8.08
CA LYS A 278 6.72 26.01 8.79
C LYS A 278 6.92 25.57 10.23
N ASP A 279 6.04 24.75 10.79
CA ASP A 279 6.13 24.36 12.19
C ASP A 279 6.06 22.85 12.39
N ILE A 280 6.52 22.07 11.44
CA ILE A 280 6.38 20.62 11.56
C ILE A 280 7.49 20.08 12.45
N GLU A 281 7.14 19.06 13.25
CA GLU A 281 8.04 18.25 14.05
C GLU A 281 7.78 16.78 13.69
N LEU A 282 8.77 15.90 13.91
CA LEU A 282 8.51 14.47 13.78
C LEU A 282 7.48 14.05 14.83
N THR A 283 6.61 13.10 14.48
CA THR A 283 5.76 12.52 15.51
C THR A 283 6.61 11.85 16.59
N ASP A 284 7.75 11.25 16.21
CA ASP A 284 8.65 10.48 17.08
C ASP A 284 9.90 10.18 16.25
N ASP A 285 10.98 9.78 16.94
CA ASP A 285 12.25 9.59 16.25
C ASP A 285 12.19 8.43 15.27
N ASN A 286 11.27 7.49 15.47
CA ASN A 286 11.08 6.38 14.56
C ASN A 286 9.98 6.59 13.52
N GLY A 287 9.49 7.81 13.36
CA GLY A 287 8.47 8.07 12.34
C GLY A 287 9.08 8.41 11.00
N ILE A 288 10.15 7.69 10.66
CA ILE A 288 10.94 7.95 9.47
C ILE A 288 11.34 6.62 8.86
N LEU A 289 11.64 6.67 7.56
CA LEU A 289 12.02 5.47 6.83
C LEU A 289 12.61 5.93 5.53
N ALA A 290 13.57 5.17 5.03
CA ALA A 290 14.11 5.37 3.69
C ALA A 290 14.50 3.98 3.20
N GLY A 291 14.25 3.72 1.93
CA GLY A 291 14.55 2.42 1.36
C GLY A 291 14.10 2.34 -0.10
N ARG A 292 14.21 1.14 -0.67
CA ARG A 292 13.80 0.90 -2.05
C ARG A 292 13.69 -0.59 -2.29
N PHE A 293 12.85 -0.96 -3.27
CA PHE A 293 12.71 -2.36 -3.65
C PHE A 293 12.21 -2.44 -5.09
N ALA A 294 12.55 -3.55 -5.73
CA ALA A 294 12.04 -3.81 -7.08
C ALA A 294 10.60 -4.31 -7.03
N PRO A 295 9.68 -3.71 -7.78
CA PRO A 295 8.35 -4.32 -7.92
C PRO A 295 8.49 -5.76 -8.37
N THR A 296 7.80 -6.67 -7.68
CA THR A 296 7.93 -8.07 -7.99
C THR A 296 6.61 -8.80 -7.82
N VAL A 297 6.34 -9.71 -8.76
CA VAL A 297 5.25 -10.66 -8.65
C VAL A 297 5.88 -12.05 -8.63
N ARG A 298 5.34 -12.92 -7.78
CA ARG A 298 5.87 -14.25 -7.59
C ARG A 298 4.79 -15.30 -7.82
N LYS A 299 5.24 -16.53 -8.03
CA LYS A 299 4.35 -17.67 -8.13
C LYS A 299 3.87 -18.06 -6.74
N PRO A 300 2.57 -18.32 -6.60
CA PRO A 300 1.97 -18.38 -5.26
C PRO A 300 2.21 -19.66 -4.52
N VAL A 301 2.57 -20.75 -5.20
CA VAL A 301 2.76 -22.05 -4.57
C VAL A 301 4.26 -22.33 -4.49
N ALA A 302 4.76 -22.51 -3.28
CA ALA A 302 6.15 -22.92 -3.05
C ALA A 302 6.17 -24.34 -2.51
N THR A 303 7.15 -25.11 -2.97
CA THR A 303 7.30 -26.50 -2.57
C THR A 303 8.49 -26.60 -1.64
N LEU A 304 8.26 -27.10 -0.44
CA LEU A 304 9.29 -27.25 0.58
C LEU A 304 10.16 -28.44 0.24
N PRO A 305 11.32 -28.56 0.88
CA PRO A 305 12.19 -29.73 0.61
C PRO A 305 11.47 -31.06 0.77
N SER A 306 10.57 -31.18 1.74
CA SER A 306 9.82 -32.42 1.91
C SER A 306 8.84 -32.70 0.77
N GLY A 307 8.63 -31.75 -0.13
CA GLY A 307 7.59 -31.88 -1.12
C GLY A 307 6.23 -31.32 -0.71
N ARG A 308 6.08 -30.87 0.53
CA ARG A 308 4.83 -30.24 0.94
C ARG A 308 4.76 -28.82 0.37
N LYS A 309 3.57 -28.23 0.42
CA LYS A 309 3.34 -26.97 -0.26
C LYS A 309 2.85 -25.88 0.72
N VAL A 310 3.22 -24.64 0.41
CA VAL A 310 2.75 -23.45 1.10
C VAL A 310 2.26 -22.42 0.08
N LEU A 311 1.32 -21.57 0.53
CA LEU A 311 0.63 -20.57 -0.28
C LEU A 311 1.04 -19.18 0.18
N GLY A 312 1.53 -18.36 -0.73
CA GLY A 312 1.89 -17.00 -0.41
C GLY A 312 0.72 -16.02 -0.49
N LEU A 313 0.78 -14.99 0.34
CA LEU A 313 -0.32 -14.06 0.53
C LEU A 313 0.19 -12.62 0.35
N ALA A 314 -0.62 -11.81 -0.33
CA ALA A 314 -0.40 -10.37 -0.43
C ALA A 314 1.01 -10.01 -0.91
N ASP A 315 1.76 -9.22 -0.15
CA ASP A 315 3.05 -8.74 -0.66
C ASP A 315 4.03 -9.87 -0.98
N VAL A 316 3.88 -11.05 -0.38
CA VAL A 316 4.74 -12.18 -0.74
C VAL A 316 4.62 -12.47 -2.23
N VAL A 317 3.41 -12.32 -2.80
CA VAL A 317 3.19 -12.68 -4.19
C VAL A 317 2.94 -11.48 -5.10
N VAL A 318 2.48 -10.33 -4.58
CA VAL A 318 2.33 -9.14 -5.40
C VAL A 318 2.84 -7.95 -4.61
N LEU A 319 3.97 -7.40 -5.06
CA LEU A 319 4.70 -6.34 -4.37
C LEU A 319 4.89 -5.19 -5.34
N ASN A 320 4.21 -4.09 -5.06
CA ASN A 320 4.19 -2.93 -5.95
C ASN A 320 4.89 -1.76 -5.28
N ASP A 321 5.50 -0.90 -6.08
CA ASP A 321 5.98 0.38 -5.56
C ASP A 321 4.84 1.19 -4.96
N PRO A 322 5.05 1.93 -3.88
CA PRO A 322 3.93 2.59 -3.20
C PRO A 322 3.42 3.86 -3.86
N ILE A 323 3.85 4.17 -5.09
CA ILE A 323 3.48 5.44 -5.71
C ILE A 323 1.97 5.59 -5.89
N THR A 324 1.24 4.48 -5.98
CA THR A 324 -0.21 4.52 -6.12
C THR A 324 -0.95 4.29 -4.83
N GLY A 325 -0.23 4.11 -3.72
CA GLY A 325 -0.84 3.88 -2.43
C GLY A 325 -1.72 2.65 -2.35
N GLN A 326 -1.27 1.52 -2.88
CA GLN A 326 -2.14 0.36 -3.06
C GLN A 326 -1.75 -0.88 -2.24
N GLY A 327 -0.59 -0.92 -1.60
CA GLY A 327 -0.14 -2.16 -0.94
C GLY A 327 -1.07 -2.63 0.17
N SER A 328 -1.43 -1.71 1.07
CA SER A 328 -2.38 -2.07 2.12
C SER A 328 -3.78 -2.34 1.58
N ASN A 329 -4.20 -1.65 0.50
CA ASN A 329 -5.45 -1.99 -0.15
C ASN A 329 -5.37 -3.38 -0.76
N ASN A 330 -4.27 -3.71 -1.46
CA ASN A 330 -4.08 -5.08 -1.91
C ASN A 330 -4.12 -6.05 -0.73
N ALA A 331 -3.44 -5.72 0.39
CA ALA A 331 -3.38 -6.66 1.50
C ALA A 331 -4.80 -7.02 1.94
N ALA A 332 -5.66 -6.03 2.08
CA ALA A 332 -7.03 -6.26 2.56
C ALA A 332 -7.86 -7.04 1.55
N LYS A 333 -7.75 -6.68 0.28
CA LYS A 333 -8.54 -7.35 -0.75
C LYS A 333 -7.98 -8.74 -1.02
N CYS A 334 -6.65 -8.91 -0.94
CA CYS A 334 -6.07 -10.24 -1.08
C CYS A 334 -6.56 -11.16 0.02
N ALA A 335 -6.50 -10.70 1.29
CA ALA A 335 -6.91 -11.54 2.41
C ALA A 335 -8.40 -11.86 2.34
N ASP A 336 -9.21 -10.90 1.92
CA ASP A 336 -10.65 -11.13 1.70
C ASP A 336 -10.88 -12.19 0.64
N THR A 337 -10.22 -12.08 -0.50
CA THR A 337 -10.37 -13.12 -1.53
C THR A 337 -9.92 -14.49 -1.02
N TYR A 338 -8.76 -14.56 -0.34
CA TYR A 338 -8.30 -15.85 0.21
C TYR A 338 -9.24 -16.41 1.27
N LEU A 339 -9.73 -15.56 2.17
CA LEU A 339 -10.71 -16.06 3.15
C LEU A 339 -11.97 -16.63 2.46
N LYS A 340 -12.53 -15.89 1.50
CA LYS A 340 -13.69 -16.42 0.79
C LYS A 340 -13.36 -17.76 0.15
N SER A 341 -12.14 -17.90 -0.40
CA SER A 341 -11.79 -19.15 -1.06
C SER A 341 -11.70 -20.29 -0.05
N ILE A 342 -11.10 -20.02 1.12
CA ILE A 342 -11.00 -21.04 2.16
C ILE A 342 -12.39 -21.49 2.61
N LEU A 343 -13.27 -20.53 2.88
CA LEU A 343 -14.59 -20.86 3.40
C LEU A 343 -15.38 -21.67 2.39
N ALA A 344 -15.22 -21.39 1.10
CA ALA A 344 -16.00 -22.11 0.08
C ALA A 344 -15.45 -23.52 -0.16
N ARG A 345 -14.20 -23.76 0.22
CA ARG A 345 -13.60 -25.08 0.07
C ARG A 345 -14.16 -26.06 1.07
N GLY A 346 -14.53 -25.57 2.26
CA GLY A 346 -15.11 -26.39 3.28
C GLY A 346 -14.15 -27.44 3.79
N ASP A 347 -14.56 -28.72 3.70
CA ASP A 347 -13.72 -29.85 4.07
C ASP A 347 -12.81 -30.29 2.93
N GLY A 348 -12.84 -29.57 1.81
CA GLY A 348 -11.97 -29.90 0.71
C GLY A 348 -10.50 -29.73 1.04
N ALA A 349 -9.67 -30.42 0.25
CA ALA A 349 -8.23 -30.40 0.45
C ALA A 349 -7.66 -29.10 -0.10
N ALA A 350 -6.72 -28.52 0.65
CA ALA A 350 -5.97 -27.34 0.21
C ALA A 350 -4.74 -27.79 -0.57
N ASP A 351 -4.99 -28.33 -1.77
CA ASP A 351 -3.90 -28.82 -2.59
C ASP A 351 -3.34 -27.72 -3.50
N ALA A 352 -2.33 -28.06 -4.28
CA ALA A 352 -1.63 -27.02 -5.04
C ALA A 352 -2.58 -26.39 -6.07
N ALA A 353 -3.53 -27.15 -6.59
CA ALA A 353 -4.47 -26.61 -7.57
C ALA A 353 -5.40 -25.60 -6.93
N TRP A 354 -5.96 -25.94 -5.77
CA TRP A 354 -6.78 -24.97 -5.06
C TRP A 354 -5.99 -23.71 -4.71
N MET A 355 -4.74 -23.88 -4.23
CA MET A 355 -3.88 -22.74 -3.92
C MET A 355 -3.68 -21.83 -5.14
N GLN A 356 -3.30 -22.43 -6.27
CA GLN A 356 -3.05 -21.65 -7.47
C GLN A 356 -4.33 -20.96 -7.94
N GLN A 357 -5.49 -21.62 -7.80
CA GLN A 357 -6.74 -21.03 -8.26
C GLN A 357 -7.11 -19.81 -7.42
N THR A 358 -6.87 -19.88 -6.11
CA THR A 358 -7.11 -18.74 -5.22
C THR A 358 -6.28 -17.52 -5.60
N PHE A 359 -4.99 -17.72 -5.89
CA PHE A 359 -4.18 -16.60 -6.35
C PHE A 359 -4.66 -16.09 -7.72
N ASP A 360 -5.06 -17.00 -8.61
CA ASP A 360 -5.44 -16.62 -9.97
C ASP A 360 -6.64 -15.67 -9.94
N ARG A 361 -7.62 -15.94 -9.07
CA ARG A 361 -8.80 -15.09 -8.97
C ARG A 361 -8.40 -13.70 -8.51
N TYR A 362 -7.48 -13.64 -7.53
CA TYR A 362 -6.97 -12.37 -7.05
C TYR A 362 -6.20 -11.65 -8.16
N TRP A 363 -5.33 -12.39 -8.87
CA TRP A 363 -4.42 -11.77 -9.85
C TRP A 363 -5.19 -11.39 -11.13
N PHE A 364 -5.79 -12.37 -11.79
CA PHE A 364 -6.50 -12.06 -13.05
C PHE A 364 -7.71 -11.16 -12.80
N GLY A 365 -8.42 -11.36 -11.68
CA GLY A 365 -9.61 -10.58 -11.44
C GLY A 365 -9.33 -9.17 -10.95
N TYR A 366 -8.17 -8.94 -10.33
CA TYR A 366 -7.97 -7.63 -9.70
C TYR A 366 -6.54 -7.13 -9.73
N ALA A 367 -5.59 -7.90 -9.14
CA ALA A 367 -4.27 -7.32 -8.89
C ALA A 367 -3.48 -7.10 -10.17
N GLN A 368 -3.77 -7.79 -11.28
CA GLN A 368 -3.02 -7.51 -12.49
C GLN A 368 -3.26 -6.07 -12.93
N TRP A 369 -4.43 -5.53 -12.60
CA TRP A 369 -4.73 -4.18 -13.07
C TRP A 369 -4.11 -3.13 -12.14
N VAL A 370 -4.16 -3.36 -10.82
CA VAL A 370 -3.43 -2.47 -9.92
C VAL A 370 -1.96 -2.42 -10.31
N THR A 371 -1.41 -3.58 -10.67
CA THR A 371 0.02 -3.70 -10.92
C THR A 371 0.40 -3.03 -12.23
N GLN A 372 -0.39 -3.26 -13.29
CA GLN A 372 -0.11 -2.62 -14.57
C GLN A 372 -0.20 -1.12 -14.43
N TRP A 373 -1.22 -0.61 -13.77
CA TRP A 373 -1.34 0.84 -13.56
C TRP A 373 -0.11 1.39 -12.85
N THR A 374 0.29 0.74 -11.76
CA THR A 374 1.39 1.24 -10.96
C THR A 374 2.72 1.21 -11.74
N ASN A 375 2.99 0.09 -12.41
CA ASN A 375 4.22 0.00 -13.20
C ASN A 375 4.27 0.99 -14.33
N MET A 376 3.13 1.36 -14.90
CA MET A 376 3.09 2.42 -15.90
C MET A 376 3.43 3.79 -15.31
N LEU A 377 2.89 4.10 -14.14
CA LEU A 377 3.19 5.38 -13.51
C LEU A 377 4.66 5.50 -13.16
N LEU A 378 5.32 4.38 -12.89
CA LEU A 378 6.74 4.43 -12.55
C LEU A 378 7.57 4.85 -13.74
N ALA A 379 7.14 4.51 -14.95
CA ALA A 379 7.88 4.94 -16.13
C ALA A 379 7.56 6.39 -16.46
N PRO A 380 8.41 7.02 -17.26
CA PRO A 380 8.10 8.38 -17.73
C PRO A 380 6.76 8.42 -18.42
N PRO A 381 5.97 9.47 -18.22
CA PRO A 381 4.61 9.46 -18.70
C PRO A 381 4.54 9.79 -20.16
N PRO A 382 3.79 9.01 -20.94
CA PRO A 382 3.62 9.30 -22.37
C PRO A 382 2.75 10.52 -22.61
N PRO A 383 2.77 11.03 -23.84
CA PRO A 383 1.93 12.19 -24.18
C PRO A 383 0.47 12.09 -23.79
N HIS A 384 -0.21 10.99 -24.11
CA HIS A 384 -1.63 10.92 -23.80
C HIS A 384 -1.84 11.03 -22.29
N VAL A 385 -0.90 10.52 -21.49
CA VAL A 385 -1.07 10.59 -20.04
C VAL A 385 -0.92 12.03 -19.57
N LEU A 386 0.04 12.76 -20.13
CA LEU A 386 0.13 14.17 -19.77
C LEU A 386 -1.08 14.97 -20.23
N ASN A 387 -1.71 14.60 -21.35
CA ASN A 387 -2.95 15.24 -21.79
C ASN A 387 -4.08 14.97 -20.80
N LEU A 388 -4.15 13.74 -20.27
CA LEU A 388 -5.16 13.39 -19.28
C LEU A 388 -4.99 14.19 -17.98
N LEU A 389 -3.75 14.22 -17.43
CA LEU A 389 -3.52 14.96 -16.20
C LEU A 389 -3.85 16.45 -16.37
N GLY A 390 -3.63 17.00 -17.56
CA GLY A 390 -3.86 18.41 -17.79
C GLY A 390 -5.34 18.68 -17.96
N SER A 391 -5.99 17.81 -18.76
CA SER A 391 -7.42 17.96 -19.01
C SER A 391 -8.23 17.86 -17.74
N ALA A 392 -7.73 17.10 -16.77
CA ALA A 392 -8.47 16.88 -15.54
C ALA A 392 -8.66 18.18 -14.74
N GLY A 393 -7.70 19.12 -14.85
CA GLY A 393 -7.85 20.40 -14.18
C GLY A 393 -8.94 21.29 -14.78
N ALA A 394 -9.40 20.97 -15.99
CA ALA A 394 -10.47 21.67 -16.65
C ALA A 394 -11.74 20.85 -16.86
N VAL A 395 -11.72 19.54 -16.59
CA VAL A 395 -12.88 18.66 -16.75
C VAL A 395 -13.12 17.92 -15.46
N PRO A 396 -13.96 18.43 -14.58
CA PRO A 396 -14.03 17.90 -13.21
C PRO A 396 -14.41 16.44 -13.18
N PRO A 397 -15.30 16.01 -14.07
CA PRO A 397 -15.63 14.56 -14.10
C PRO A 397 -14.41 13.71 -14.34
N LEU A 398 -13.45 14.19 -15.10
CA LEU A 398 -12.25 13.39 -15.34
C LEU A 398 -11.36 13.38 -14.10
N ALA A 399 -11.24 14.51 -13.42
CA ALA A 399 -10.54 14.52 -12.14
C ALA A 399 -11.21 13.57 -11.15
N SER A 400 -12.53 13.59 -11.11
CA SER A 400 -13.29 12.68 -10.23
C SER A 400 -13.01 11.23 -10.58
N ALA A 401 -12.90 10.92 -11.87
CA ALA A 401 -12.55 9.57 -12.27
C ALA A 401 -11.14 9.18 -11.84
N PHE A 402 -10.20 10.13 -11.90
CA PHE A 402 -8.86 9.86 -11.39
C PHE A 402 -8.86 9.61 -9.89
N ALA A 403 -9.51 10.49 -9.13
CA ALA A 403 -9.55 10.33 -7.69
C ALA A 403 -10.14 8.98 -7.31
N ASN A 404 -11.33 8.68 -7.85
CA ASN A 404 -11.97 7.48 -7.34
C ASN A 404 -11.43 6.21 -7.95
N GLY A 405 -10.63 6.31 -9.01
CA GLY A 405 -9.91 5.18 -9.51
C GLY A 405 -8.98 4.57 -8.47
N PHE A 406 -8.62 5.33 -7.43
CA PHE A 406 -7.74 4.80 -6.41
C PHE A 406 -8.44 3.74 -5.58
N ASP A 407 -9.78 3.77 -5.54
CA ASP A 407 -10.54 2.76 -4.82
C ASP A 407 -10.68 1.47 -5.60
N ASP A 408 -10.49 1.50 -6.94
CA ASP A 408 -10.57 0.30 -7.78
C ASP A 408 -9.88 0.61 -9.09
N PRO A 409 -8.57 0.35 -9.17
CA PRO A 409 -7.79 0.75 -10.36
C PRO A 409 -8.17 0.01 -11.63
N ARG A 410 -9.01 -1.02 -11.56
CA ARG A 410 -9.57 -1.55 -12.78
C ARG A 410 -10.27 -0.46 -13.60
N THR A 411 -10.84 0.55 -12.92
CA THR A 411 -11.59 1.55 -13.64
C THR A 411 -10.68 2.49 -14.43
N PHE A 412 -9.35 2.35 -14.36
CA PHE A 412 -8.48 3.13 -15.25
C PHE A 412 -8.38 2.53 -16.65
N PHE A 413 -8.90 1.36 -16.87
CA PHE A 413 -8.60 0.69 -18.13
C PHE A 413 -9.82 0.67 -19.02
N PRO A 414 -9.67 0.86 -20.33
CA PRO A 414 -8.41 0.98 -21.07
C PRO A 414 -7.95 2.40 -21.36
N TRP A 415 -8.68 3.39 -20.84
CA TRP A 415 -8.46 4.77 -21.28
C TRP A 415 -7.14 5.36 -20.76
N PHE A 416 -6.68 4.96 -19.57
CA PHE A 416 -5.42 5.52 -19.08
C PHE A 416 -4.23 5.01 -19.89
N ALA A 417 -4.29 3.77 -20.36
CA ALA A 417 -3.15 3.11 -20.96
C ALA A 417 -3.04 3.32 -22.46
N ASP A 418 -4.07 3.84 -23.10
CA ASP A 418 -4.14 3.90 -24.55
C ASP A 418 -4.60 5.27 -25.01
N ALA A 419 -3.80 5.87 -25.90
CA ALA A 419 -4.05 7.23 -26.36
C ALA A 419 -5.44 7.42 -26.96
N ALA A 420 -5.83 6.55 -27.91
CA ALA A 420 -7.13 6.73 -28.56
C ALA A 420 -8.25 6.66 -27.55
N GLU A 421 -8.17 5.71 -26.62
CA GLU A 421 -9.22 5.58 -25.61
C GLU A 421 -9.17 6.75 -24.64
N SER A 422 -7.98 7.27 -24.30
CA SER A 422 -7.95 8.43 -23.41
C SER A 422 -8.74 9.59 -24.03
N GLU A 423 -8.72 9.72 -25.35
CA GLU A 423 -9.43 10.85 -25.95
C GLU A 423 -10.92 10.61 -25.92
N ARG A 424 -11.35 9.37 -26.15
CA ARG A 424 -12.77 9.05 -26.05
C ARG A 424 -13.29 9.30 -24.64
N TYR A 425 -12.48 8.96 -23.63
CA TYR A 425 -12.96 9.12 -22.27
C TYR A 425 -12.97 10.59 -21.87
N ILE A 426 -11.99 11.37 -22.34
CA ILE A 426 -12.02 12.80 -22.06
C ILE A 426 -13.31 13.39 -22.63
N ALA A 427 -13.74 12.92 -23.79
CA ALA A 427 -14.97 13.43 -24.39
C ALA A 427 -16.19 13.03 -23.57
N THR A 428 -16.27 11.75 -23.18
CA THR A 428 -17.32 11.31 -22.26
C THR A 428 -17.35 12.22 -21.04
N CYS A 429 -16.20 12.50 -20.44
CA CYS A 429 -16.22 13.32 -19.23
C CYS A 429 -16.67 14.74 -19.54
N ALA A 430 -16.23 15.28 -20.68
CA ALA A 430 -16.50 16.68 -20.98
C ALA A 430 -17.98 16.91 -21.23
N ALA A 431 -18.66 15.89 -21.72
CA ALA A 431 -20.07 15.98 -22.08
C ALA A 431 -21.00 16.02 -20.89
N VAL A 432 -20.56 15.62 -19.70
CA VAL A 432 -21.39 15.67 -18.52
C VAL A 432 -20.88 16.68 -17.49
N ALA A 433 -19.86 17.46 -17.85
CA ALA A 433 -19.29 18.47 -16.96
C ALA A 433 -20.30 19.59 -16.76
PA FAD B . 3.25 -6.83 6.11
O1A FAD B . 2.16 -5.92 6.61
O2A FAD B . 4.53 -6.01 5.83
O5B FAD B . 3.60 -8.05 7.17
C5B FAD B . 4.89 -8.67 7.22
C4B FAD B . 5.27 -8.94 8.66
O4B FAD B . 5.75 -10.29 8.77
C3B FAD B . 6.36 -8.00 9.22
O3B FAD B . 5.79 -7.10 10.17
C2B FAD B . 7.42 -8.95 9.83
O2B FAD B . 7.70 -8.58 11.19
C1B FAD B . 6.81 -10.35 9.70
N9A FAD B . 7.75 -11.38 9.23
C8A FAD B . 8.64 -11.29 8.19
N7A FAD B . 9.35 -12.38 8.00
C5A FAD B . 8.91 -13.25 8.98
C6A FAD B . 9.29 -14.56 9.35
N6A FAD B . 10.29 -15.24 8.76
N1A FAD B . 8.65 -15.14 10.39
C2A FAD B . 7.70 -14.43 11.03
N3A FAD B . 7.27 -13.19 10.79
C4A FAD B . 7.92 -12.65 9.75
N1 FAD B . 0.13 0.81 0.90
C2 FAD B . -1.05 1.60 0.83
O2 FAD B . -2.20 1.10 0.63
N3 FAD B . -0.98 2.98 1.01
C4 FAD B . 0.17 3.72 1.25
O4 FAD B . 0.05 4.93 1.40
C4X FAD B . 1.45 2.85 1.32
N5 FAD B . 2.60 3.44 1.58
C5X FAD B . 3.77 2.65 1.70
C6 FAD B . 5.02 3.26 1.91
C7 FAD B . 6.19 2.50 2.03
C7M FAD B . 7.53 3.19 2.24
C8 FAD B . 6.12 1.10 1.94
C8M FAD B . 7.36 0.27 2.08
C9 FAD B . 4.88 0.50 1.73
C9A FAD B . 3.72 1.25 1.58
N10 FAD B . 2.44 0.64 1.29
C10 FAD B . 1.29 1.41 1.14
C1' FAD B . 2.39 -0.83 1.17
C2' FAD B . 1.85 -1.54 2.41
O2' FAD B . 2.47 -1.09 3.62
C3' FAD B . 2.08 -3.05 2.28
O3' FAD B . 1.92 -3.46 0.92
C4' FAD B . 1.18 -3.94 3.15
O4' FAD B . 1.54 -3.83 4.53
C5' FAD B . 1.26 -5.40 2.77
O5' FAD B . 0.67 -6.16 3.83
P FAD B . 1.28 -7.65 4.12
O1P FAD B . 0.37 -8.31 5.08
O2P FAD B . 1.44 -8.43 2.76
O3P FAD B . 2.75 -7.50 4.75
HOA2 FAD B . 5.22 -6.14 5.13
H51A FAD B . 5.58 -8.00 6.72
H52A FAD B . 4.85 -9.56 6.60
H4B FAD B . 4.41 -8.96 9.33
H3B FAD B . 6.81 -7.40 8.45
HO3A FAD B . 6.27 -6.23 10.13
H2B FAD B . 8.32 -8.92 9.22
HO2A FAD B . 7.11 -7.80 11.38
H1B FAD B . 6.39 -10.69 10.65
H8A FAD B . 8.73 -10.39 7.60
H61A FAD B . 10.83 -14.83 8.00
H62A FAD B . 10.53 -16.19 9.06
H2A FAD B . 7.24 -14.95 11.87
HN3 FAD B . -1.85 3.51 0.96
H6 FAD B . 5.09 4.34 2.00
HM71 FAD B . 8.04 2.83 3.13
HM72 FAD B . 8.21 3.05 1.41
HM73 FAD B . 7.42 4.27 2.36
HM81 FAD B . 7.57 0.09 3.14
HM82 FAD B . 7.21 -0.70 1.60
HM83 FAD B . 8.20 0.77 1.63
H9 FAD B . 4.86 -0.59 1.67
H1'1 FAD B . 3.37 -1.23 0.94
H1'2 FAD B . 1.80 -1.12 0.30
H2' FAD B . 0.80 -1.29 2.58
HO2' FAD B . 2.64 -1.90 4.17
H3' FAD B . 3.13 -3.26 2.46
HO3' FAD B . 2.83 -3.63 0.56
H4' FAD B . 0.17 -3.53 3.13
HO4' FAD B . 0.97 -4.44 5.06
H5'1 FAD B . 2.30 -5.73 2.62
H5'2 FAD B . 0.75 -5.62 1.82
HOP2 FAD B . 1.56 -9.41 2.63
#